data_4CQR
#
_entry.id   4CQR
#
_cell.length_a   101.077
_cell.length_b   101.077
_cell.length_c   451.337
_cell.angle_alpha   90.00
_cell.angle_beta   90.00
_cell.angle_gamma   120.00
#
_symmetry.space_group_name_H-M   'H 3 2'
#
loop_
_entity.id
_entity.type
_entity.pdbx_description
1 polymer 'Hemagglutinin HA1'
2 polymer 'Hemagglutinin HA2'
3 branched 2-acetamido-2-deoxy-beta-D-glucopyranose-(1-4)-2-acetamido-2-deoxy-beta-D-glucopyranose
4 branched beta-D-mannopyranose-(1-3)-[alpha-D-mannopyranose-(1-6)]beta-D-mannopyranose-(1-4)-2-acetamido-2-deoxy-beta-D-glucopyranose-(1-4)-2-acetamido-2-deoxy-beta-D-glucopyranose
5 branched 'N-acetyl-alpha-neuraminic acid-(2-6)-beta-D-galactopyranose'
6 branched beta-D-mannopyranose-(1-4)-2-acetamido-2-deoxy-beta-D-glucopyranose-(1-4)-2-acetamido-2-deoxy-beta-D-glucopyranose
7 non-polymer 2-acetamido-2-deoxy-beta-D-glucopyranose
8 non-polymer '3[N-MORPHOLINO]PROPANE SULFONIC ACID'
9 water water
#
loop_
_entity_poly.entity_id
_entity_poly.type
_entity_poly.pdbx_seq_one_letter_code
_entity_poly.pdbx_strand_id
1 'polypeptide(L)'
;DQICIGYHANNSTEQVDTIMEKNVTVTHAQDILEKTHNGKLCDLDGVKPLILRDCSVAGWLLGNPMCDEFINVPEWSYIV
EKANPVNDLCYPGDFNDYEELKHLLSRINHFEKIQIIPKSSWSSHEASLGVSSACPYQGKSSFFRNVVWLIKKNSTYPTI
KRSYNNTNQEDLLVLWGIHHPNDAAEQTKLYRNPTTYISVGTSTLNQRLVPRIATRSKVNGQNGRMEFFWTILKPNDAIN
FESNGNFIAPEYAYKIVKKGDSTIMKSELEYGNCNTKCQTPMGAINSSMPFHNIHPLTIGECPKYVKSNRLVLATGLRNS
PQRETR
;
A
2 'polypeptide(L)'
;GLFGAIAGFIEGGWQGMVDGWYGYHHSNEQGSGYAADKESTQKAIDGVTNKVNSIIDKMNTQFEAVGREFNNLERRIENL
NKKMEDGFLDVWTYNAELLVLMENERTLDFHDSNVKNLYDKVRLQLRDNAKELGNGCFEFYHKCDNECMESVRNGTYDYP
QYSEEA
;
B
#
loop_
_chem_comp.id
_chem_comp.type
_chem_comp.name
_chem_comp.formula
BMA D-saccharide, beta linking beta-D-mannopyranose 'C6 H12 O6'
GAL D-saccharide, beta linking beta-D-galactopyranose 'C6 H12 O6'
MAN D-saccharide, alpha linking alpha-D-mannopyranose 'C6 H12 O6'
MPO non-polymer '3[N-MORPHOLINO]PROPANE SULFONIC ACID' 'C7 H15 N O4 S'
NAG D-saccharide, beta linking 2-acetamido-2-deoxy-beta-D-glucopyranose 'C8 H15 N O6'
SIA D-saccharide, alpha linking 'N-acetyl-alpha-neuraminic acid' 'C11 H19 N O9'
#
# COMPACT_ATOMS: atom_id res chain seq x y z
N ASP A 1 -56.74 11.37 26.46
CA ASP A 1 -55.30 11.62 26.78
C ASP A 1 -54.49 10.36 26.53
N GLN A 2 -53.39 10.49 25.79
CA GLN A 2 -52.53 9.34 25.52
C GLN A 2 -51.06 9.68 25.47
N ILE A 3 -50.26 8.64 25.71
CA ILE A 3 -48.83 8.72 25.56
C ILE A 3 -48.42 7.59 24.62
N CYS A 4 -47.53 7.90 23.69
CA CYS A 4 -47.13 6.96 22.66
C CYS A 4 -45.64 6.74 22.74
N ILE A 5 -45.20 5.54 22.40
CA ILE A 5 -43.79 5.25 22.25
C ILE A 5 -43.44 5.19 20.78
N GLY A 6 -42.30 5.76 20.40
CA GLY A 6 -41.90 5.81 19.00
C GLY A 6 -40.42 6.04 18.81
N TYR A 7 -40.03 6.20 17.55
CA TYR A 7 -38.63 6.31 17.20
C TYR A 7 -38.41 7.35 16.10
N HIS A 8 -37.16 7.68 15.89
CA HIS A 8 -36.73 8.76 15.02
C HIS A 8 -36.85 8.41 13.54
N ALA A 9 -37.26 9.39 12.76
CA ALA A 9 -37.15 9.32 11.30
C ALA A 9 -36.56 10.63 10.81
N ASN A 10 -36.06 10.64 9.59
CA ASN A 10 -35.51 11.85 9.01
C ASN A 10 -35.54 11.79 7.49
N ASN A 11 -34.91 12.75 6.82
CA ASN A 11 -34.92 12.83 5.36
C ASN A 11 -33.82 12.01 4.67
N SER A 12 -33.12 11.18 5.44
CA SER A 12 -31.99 10.41 4.94
C SER A 12 -32.41 9.40 3.89
N THR A 13 -31.57 9.28 2.85
CA THR A 13 -31.74 8.29 1.78
C THR A 13 -30.60 7.28 1.77
N GLU A 14 -29.66 7.40 2.72
CA GLU A 14 -28.56 6.45 2.90
C GLU A 14 -29.08 5.01 3.06
N GLN A 15 -28.41 4.07 2.42
CA GLN A 15 -28.81 2.68 2.38
C GLN A 15 -27.71 1.76 2.86
N VAL A 16 -28.07 0.68 3.54
CA VAL A 16 -27.11 -0.34 3.97
C VAL A 16 -27.63 -1.69 3.53
N ASP A 17 -26.74 -2.65 3.34
CA ASP A 17 -27.16 -4.03 3.02
C ASP A 17 -27.10 -4.92 4.26
N THR A 18 -27.97 -5.92 4.29
CA THR A 18 -27.93 -7.00 5.28
C THR A 18 -28.02 -8.35 4.56
N ILE A 19 -27.90 -9.43 5.31
CA ILE A 19 -27.95 -10.78 4.74
C ILE A 19 -29.33 -11.07 4.11
N MET A 20 -30.39 -10.63 4.78
CA MET A 20 -31.75 -10.90 4.33
C MET A 20 -32.38 -9.79 3.49
N GLU A 21 -31.78 -8.60 3.48
CA GLU A 21 -32.36 -7.50 2.75
C GLU A 21 -31.31 -6.53 2.28
N LYS A 22 -31.40 -6.14 1.01
CA LYS A 22 -30.49 -5.20 0.44
C LYS A 22 -31.14 -3.83 0.38
N ASN A 23 -30.33 -2.78 0.38
CA ASN A 23 -30.83 -1.43 0.16
C ASN A 23 -31.88 -1.00 1.18
N VAL A 24 -31.57 -1.22 2.44
CA VAL A 24 -32.43 -0.78 3.54
C VAL A 24 -32.08 0.68 3.84
N THR A 25 -33.08 1.55 3.82
CA THR A 25 -32.84 2.97 4.09
C THR A 25 -32.75 3.19 5.58
N VAL A 26 -31.69 3.87 6.01
CA VAL A 26 -31.47 4.12 7.43
C VAL A 26 -31.31 5.60 7.72
N THR A 27 -31.61 5.98 8.96
CA THR A 27 -31.52 7.37 9.42
C THR A 27 -30.09 7.87 9.46
N HIS A 28 -29.16 6.96 9.75
CA HIS A 28 -27.73 7.29 9.81
C HIS A 28 -26.90 6.11 9.41
N ALA A 29 -25.77 6.40 8.77
CA ALA A 29 -24.84 5.39 8.31
C ALA A 29 -23.44 5.96 8.32
N GLN A 30 -22.46 5.08 8.20
CA GLN A 30 -21.06 5.48 8.21
C GLN A 30 -20.30 4.70 7.15
N ASP A 31 -19.90 5.42 6.11
CA ASP A 31 -19.03 4.87 5.07
C ASP A 31 -17.67 4.60 5.71
N ILE A 32 -17.08 3.44 5.44
CA ILE A 32 -15.77 3.10 5.98
C ILE A 32 -14.72 2.75 4.91
N LEU A 33 -15.07 2.95 3.65
CA LEU A 33 -14.19 2.64 2.53
C LEU A 33 -13.80 3.89 1.76
N GLU A 34 -12.49 4.15 1.68
CA GLU A 34 -11.96 5.27 0.91
C GLU A 34 -11.87 4.87 -0.57
N LYS A 35 -12.51 5.64 -1.44
CA LYS A 35 -12.53 5.34 -2.87
C LYS A 35 -11.74 6.34 -3.72
N THR A 36 -11.30 7.45 -3.13
CA THR A 36 -10.63 8.49 -3.89
C THR A 36 -9.13 8.56 -3.61
N HIS A 37 -8.39 9.02 -4.63
CA HIS A 37 -6.98 9.36 -4.53
C HIS A 37 -6.72 10.63 -5.35
N ASN A 38 -5.53 11.20 -5.27
CA ASN A 38 -5.24 12.46 -5.98
C ASN A 38 -4.63 12.25 -7.38
N GLY A 39 -4.21 11.02 -7.67
CA GLY A 39 -3.74 10.65 -9.01
C GLY A 39 -2.29 11.03 -9.26
N LYS A 40 -1.56 11.34 -8.18
CA LYS A 40 -0.19 11.86 -8.25
C LYS A 40 0.80 11.05 -7.42
N LEU A 41 2.06 11.10 -7.80
CA LEU A 41 3.14 10.59 -6.98
C LEU A 41 3.66 11.72 -6.11
N CYS A 42 3.77 11.47 -4.81
CA CYS A 42 4.01 12.54 -3.84
C CYS A 42 5.15 12.21 -2.90
N ASP A 43 5.63 13.24 -2.20
CA ASP A 43 6.58 13.04 -1.11
C ASP A 43 5.89 12.24 -0.01
N LEU A 44 6.64 11.36 0.63
CA LEU A 44 6.13 10.57 1.74
C LEU A 44 6.63 11.16 3.07
N ASP A 45 5.75 11.91 3.74
CA ASP A 45 6.08 12.64 4.97
C ASP A 45 7.31 13.51 4.76
N GLY A 46 7.26 14.33 3.71
CA GLY A 46 8.32 15.29 3.40
C GLY A 46 9.45 14.76 2.52
N VAL A 47 9.66 13.45 2.53
CA VAL A 47 10.79 12.81 1.85
C VAL A 47 10.43 12.37 0.43
N LYS A 48 10.99 13.05 -0.56
CA LYS A 48 10.72 12.79 -1.98
C LYS A 48 11.18 11.40 -2.43
N PRO A 49 10.40 10.75 -3.33
CA PRO A 49 10.84 9.47 -3.89
C PRO A 49 11.92 9.64 -4.96
N LEU A 50 12.60 8.54 -5.28
CA LEU A 50 13.50 8.48 -6.42
C LEU A 50 12.68 8.08 -7.64
N ILE A 51 12.49 9.02 -8.55
CA ILE A 51 11.71 8.79 -9.76
C ILE A 51 12.67 8.56 -10.94
N LEU A 52 12.87 7.29 -11.28
CA LEU A 52 13.87 6.92 -12.29
C LEU A 52 13.48 7.35 -13.70
N ARG A 53 12.23 7.77 -13.89
CA ARG A 53 11.75 8.31 -15.15
C ARG A 53 11.91 7.27 -16.28
N ASP A 54 12.81 7.51 -17.23
CA ASP A 54 13.07 6.56 -18.32
C ASP A 54 14.20 5.58 -18.02
N CYS A 55 14.83 5.70 -16.86
CA CYS A 55 15.91 4.79 -16.48
C CYS A 55 15.39 3.60 -15.67
N SER A 56 16.07 2.47 -15.79
CA SER A 56 15.82 1.31 -14.95
C SER A 56 16.80 1.32 -13.79
N VAL A 57 16.61 0.40 -12.84
CA VAL A 57 17.52 0.28 -11.70
C VAL A 57 18.94 -0.06 -12.19
N ALA A 58 19.04 -0.90 -13.22
CA ALA A 58 20.32 -1.27 -13.81
C ALA A 58 21.01 -0.07 -14.49
N GLY A 59 20.26 0.65 -15.32
CA GLY A 59 20.78 1.85 -15.96
C GLY A 59 21.29 2.87 -14.95
N TRP A 60 20.54 3.03 -13.86
CA TRP A 60 20.90 3.94 -12.79
C TRP A 60 22.19 3.48 -12.10
N LEU A 61 22.21 2.23 -11.68
CA LEU A 61 23.32 1.72 -10.86
C LEU A 61 24.63 1.57 -11.63
N LEU A 62 24.56 0.96 -12.82
CA LEU A 62 25.73 0.86 -13.68
C LEU A 62 26.22 2.22 -14.21
N GLY A 63 25.34 3.20 -14.28
CA GLY A 63 25.69 4.53 -14.77
C GLY A 63 25.56 4.67 -16.29
N ASN A 64 24.42 4.22 -16.83
CA ASN A 64 24.09 4.44 -18.24
C ASN A 64 24.19 5.93 -18.54
N PRO A 65 24.98 6.32 -19.58
CA PRO A 65 25.21 7.75 -19.86
C PRO A 65 23.95 8.61 -20.02
N MET A 66 22.84 7.98 -20.40
CA MET A 66 21.53 8.65 -20.48
C MET A 66 20.88 8.91 -19.12
N CYS A 67 21.51 8.44 -18.04
CA CYS A 67 20.92 8.50 -16.71
C CYS A 67 21.75 9.36 -15.76
N ASP A 68 22.31 10.44 -16.30
CA ASP A 68 23.16 11.34 -15.51
C ASP A 68 22.38 12.13 -14.47
N GLU A 69 21.07 12.29 -14.67
CA GLU A 69 20.21 12.90 -13.66
C GLU A 69 20.40 12.22 -12.31
N PHE A 70 20.65 10.92 -12.33
CA PHE A 70 20.76 10.11 -11.13
C PHE A 70 22.20 9.72 -10.79
N ILE A 71 23.15 10.58 -11.17
CA ILE A 71 24.56 10.32 -10.89
C ILE A 71 24.86 10.44 -9.39
N ASN A 72 24.13 11.31 -8.70
CA ASN A 72 24.21 11.42 -7.24
C ASN A 72 22.86 11.80 -6.65
N VAL A 73 22.08 10.79 -6.31
CA VAL A 73 20.70 10.99 -5.86
C VAL A 73 20.64 11.07 -4.35
N PRO A 74 19.84 12.01 -3.81
CA PRO A 74 19.68 12.10 -2.36
C PRO A 74 18.87 10.94 -1.79
N GLU A 75 18.71 10.95 -0.47
CA GLU A 75 17.89 9.96 0.24
C GLU A 75 16.47 9.95 -0.33
N TRP A 76 15.90 8.76 -0.50
CA TRP A 76 14.54 8.64 -1.04
C TRP A 76 13.62 7.91 -0.05
N SER A 77 12.32 8.06 -0.27
CA SER A 77 11.31 7.39 0.55
C SER A 77 10.90 6.08 -0.11
N TYR A 78 10.63 6.17 -1.41
CA TYR A 78 10.40 4.99 -2.24
C TYR A 78 10.97 5.24 -3.63
N ILE A 79 10.98 4.21 -4.45
CA ILE A 79 11.50 4.29 -5.80
C ILE A 79 10.39 4.04 -6.81
N VAL A 80 10.39 4.80 -7.90
CA VAL A 80 9.39 4.64 -8.95
C VAL A 80 10.06 4.35 -10.27
N GLU A 81 9.68 3.23 -10.88
CA GLU A 81 10.26 2.77 -12.13
C GLU A 81 9.11 2.45 -13.07
N LYS A 82 9.25 2.80 -14.34
CA LYS A 82 8.24 2.44 -15.34
C LYS A 82 8.25 0.92 -15.57
N ALA A 83 7.25 0.44 -16.30
CA ALA A 83 7.13 -0.99 -16.60
C ALA A 83 8.23 -1.44 -17.57
N ASN A 84 8.48 -0.64 -18.60
CA ASN A 84 9.49 -0.93 -19.60
C ASN A 84 10.37 0.30 -19.89
N PRO A 85 11.29 0.62 -18.96
CA PRO A 85 12.12 1.80 -19.17
C PRO A 85 12.98 1.64 -20.42
N VAL A 86 13.14 2.71 -21.19
CA VAL A 86 13.94 2.63 -22.44
C VAL A 86 15.44 2.58 -22.15
N ASN A 87 15.89 3.34 -21.15
CA ASN A 87 17.30 3.41 -20.81
C ASN A 87 17.65 2.37 -19.75
N ASP A 88 17.94 1.16 -20.20
CA ASP A 88 18.31 0.05 -19.34
C ASP A 88 19.80 -0.23 -19.58
N LEU A 89 20.11 -1.36 -20.22
CA LEU A 89 21.47 -1.70 -20.60
C LEU A 89 21.70 -1.27 -22.04
N CYS A 90 22.32 -0.11 -22.23
CA CYS A 90 22.57 0.43 -23.55
C CYS A 90 23.34 -0.58 -24.42
N TYR A 91 24.46 -1.08 -23.89
CA TYR A 91 25.17 -2.20 -24.50
C TYR A 91 24.46 -3.48 -24.05
N PRO A 92 24.03 -4.32 -25.01
CA PRO A 92 23.18 -5.46 -24.64
C PRO A 92 23.87 -6.47 -23.72
N GLY A 93 23.07 -7.23 -22.97
CA GLY A 93 23.60 -8.29 -22.13
C GLY A 93 22.66 -8.76 -21.04
N ASP A 94 23.22 -9.05 -19.87
CA ASP A 94 22.45 -9.49 -18.70
C ASP A 94 22.98 -8.82 -17.46
N PHE A 95 22.14 -8.78 -16.42
CA PHE A 95 22.51 -8.31 -15.10
C PHE A 95 22.24 -9.47 -14.16
N ASN A 96 23.29 -10.07 -13.63
CA ASN A 96 23.17 -11.28 -12.84
C ASN A 96 22.54 -11.03 -11.46
N ASP A 97 21.63 -11.93 -11.05
CA ASP A 97 20.88 -11.81 -9.79
C ASP A 97 20.22 -10.45 -9.64
N TYR A 98 19.63 -9.96 -10.73
CA TYR A 98 19.11 -8.60 -10.81
C TYR A 98 17.94 -8.41 -9.87
N GLU A 99 17.05 -9.39 -9.84
CA GLU A 99 15.85 -9.32 -9.00
C GLU A 99 16.18 -9.39 -7.51
N GLU A 100 17.17 -10.19 -7.15
CA GLU A 100 17.64 -10.25 -5.77
C GLU A 100 18.24 -8.93 -5.32
N LEU A 101 18.87 -8.20 -6.25
CA LEU A 101 19.42 -6.88 -5.95
C LEU A 101 18.30 -5.87 -5.75
N LYS A 102 17.34 -5.85 -6.67
CA LYS A 102 16.16 -4.98 -6.54
C LYS A 102 15.44 -5.20 -5.21
N HIS A 103 15.37 -6.46 -4.76
CA HIS A 103 14.77 -6.77 -3.48
C HIS A 103 15.59 -6.17 -2.34
N LEU A 104 16.90 -6.16 -2.51
CA LEU A 104 17.81 -5.58 -1.53
C LEU A 104 17.58 -4.07 -1.40
N LEU A 105 17.20 -3.42 -2.49
CA LEU A 105 16.91 -1.97 -2.52
C LEU A 105 15.65 -1.57 -1.77
N SER A 106 14.73 -2.50 -1.58
CA SER A 106 13.50 -2.23 -0.83
CA SER A 106 13.51 -2.23 -0.84
C SER A 106 13.81 -2.04 0.65
N ARG A 107 15.02 -2.39 1.05
CA ARG A 107 15.51 -2.18 2.42
C ARG A 107 16.53 -1.02 2.49
N ILE A 108 16.63 -0.23 1.42
CA ILE A 108 17.63 0.86 1.34
C ILE A 108 17.00 2.21 0.96
N ASN A 109 17.38 3.25 1.70
CA ASN A 109 16.89 4.61 1.45
C ASN A 109 17.95 5.57 0.90
N HIS A 110 19.23 5.24 1.05
CA HIS A 110 20.29 6.13 0.58
C HIS A 110 21.58 5.41 0.22
N PHE A 111 22.09 5.75 -0.97
CA PHE A 111 23.42 5.34 -1.41
C PHE A 111 24.30 6.56 -1.42
N GLU A 112 25.57 6.38 -1.06
CA GLU A 112 26.59 7.41 -1.30
C GLU A 112 27.67 6.80 -2.19
N LYS A 113 27.75 7.30 -3.42
CA LYS A 113 28.73 6.80 -4.39
C LYS A 113 30.15 7.24 -4.03
N ILE A 114 31.09 6.30 -4.07
CA ILE A 114 32.51 6.62 -3.87
C ILE A 114 33.40 5.91 -4.88
N GLN A 115 34.62 6.43 -5.04
CA GLN A 115 35.58 5.89 -5.99
C GLN A 115 36.48 4.87 -5.31
N ILE A 116 36.53 3.66 -5.85
CA ILE A 116 37.35 2.58 -5.28
C ILE A 116 38.55 2.20 -6.13
N ILE A 117 38.43 2.30 -7.45
CA ILE A 117 39.56 2.09 -8.36
C ILE A 117 39.58 3.21 -9.41
N PRO A 118 40.42 4.24 -9.19
CA PRO A 118 40.50 5.38 -10.11
C PRO A 118 40.80 4.96 -11.55
N LYS A 119 40.20 5.67 -12.51
CA LYS A 119 40.37 5.37 -13.93
C LYS A 119 41.83 5.56 -14.37
N SER A 120 42.47 6.59 -13.83
CA SER A 120 43.86 6.91 -14.16
C SER A 120 44.85 5.87 -13.64
N SER A 121 44.49 5.14 -12.60
CA SER A 121 45.41 4.19 -11.96
C SER A 121 45.66 2.91 -12.77
N TRP A 122 45.11 2.82 -13.97
CA TRP A 122 45.36 1.70 -14.88
C TRP A 122 46.52 2.04 -15.81
N SER A 123 47.74 1.77 -15.34
CA SER A 123 48.96 2.21 -16.00
C SER A 123 49.46 1.24 -17.10
N SER A 124 49.10 -0.03 -17.00
CA SER A 124 49.53 -1.05 -17.96
C SER A 124 48.45 -1.41 -18.99
N HIS A 125 47.29 -0.76 -18.88
CA HIS A 125 46.15 -1.04 -19.77
C HIS A 125 45.52 0.27 -20.22
N GLU A 126 44.95 0.26 -21.41
CA GLU A 126 44.21 1.41 -21.90
C GLU A 126 42.83 1.41 -21.25
N ALA A 127 42.49 2.51 -20.59
CA ALA A 127 41.24 2.61 -19.83
C ALA A 127 40.30 3.70 -20.35
N SER A 128 40.73 4.43 -21.38
CA SER A 128 39.96 5.57 -21.89
C SER A 128 39.36 5.34 -23.28
N LEU A 129 39.51 4.12 -23.81
CA LEU A 129 38.95 3.76 -25.11
C LEU A 129 37.88 2.68 -25.00
N GLY A 130 37.43 2.41 -23.77
CA GLY A 130 36.38 1.43 -23.52
C GLY A 130 34.99 1.98 -23.72
N VAL A 131 34.65 2.26 -24.97
CA VAL A 131 33.39 2.92 -25.35
C VAL A 131 32.68 2.20 -26.50
N SER A 132 31.42 2.57 -26.74
CA SER A 132 30.60 1.95 -27.77
C SER A 132 29.51 2.90 -28.29
N SER A 133 29.14 2.70 -29.55
CA SER A 133 28.07 3.49 -30.19
C SER A 133 26.69 3.16 -29.60
N ALA A 134 26.58 2.02 -28.93
CA ALA A 134 25.35 1.62 -28.25
C ALA A 134 25.05 2.49 -27.01
N CYS A 135 26.10 3.06 -26.40
CA CYS A 135 25.94 3.92 -25.23
C CYS A 135 26.36 5.37 -25.52
N PRO A 136 25.61 6.06 -26.40
CA PRO A 136 26.02 7.39 -26.81
C PRO A 136 25.78 8.45 -25.74
N TYR A 137 26.61 9.48 -25.74
CA TYR A 137 26.42 10.65 -24.90
C TYR A 137 26.82 11.90 -25.67
N GLN A 138 25.84 12.77 -25.92
CA GLN A 138 26.05 13.99 -26.71
C GLN A 138 26.60 13.67 -28.10
N GLY A 139 26.06 12.63 -28.73
CA GLY A 139 26.43 12.25 -30.09
C GLY A 139 27.69 11.41 -30.21
N LYS A 140 28.39 11.16 -29.09
CA LYS A 140 29.67 10.46 -29.10
C LYS A 140 29.55 9.13 -28.37
N SER A 141 30.40 8.18 -28.76
CA SER A 141 30.42 6.85 -28.14
C SER A 141 30.96 6.93 -26.71
N SER A 142 30.14 6.52 -25.75
CA SER A 142 30.49 6.55 -24.33
C SER A 142 30.24 5.16 -23.72
N PHE A 143 30.11 5.08 -22.41
CA PHE A 143 29.92 3.80 -21.73
C PHE A 143 29.42 3.99 -20.29
N PHE A 144 28.89 2.92 -19.71
CA PHE A 144 28.49 2.90 -18.29
C PHE A 144 29.54 3.62 -17.45
N ARG A 145 29.13 4.68 -16.76
CA ARG A 145 30.05 5.58 -16.09
C ARG A 145 30.72 5.02 -14.84
N ASN A 146 30.16 3.96 -14.26
CA ASN A 146 30.65 3.44 -12.98
C ASN A 146 31.60 2.27 -13.12
N VAL A 147 31.75 1.75 -14.35
CA VAL A 147 32.68 0.67 -14.61
C VAL A 147 33.58 1.00 -15.80
N VAL A 148 34.81 0.50 -15.77
CA VAL A 148 35.82 0.82 -16.78
C VAL A 148 36.02 -0.38 -17.69
N TRP A 149 35.78 -0.19 -18.99
CA TRP A 149 36.02 -1.24 -19.97
C TRP A 149 37.49 -1.19 -20.43
N LEU A 150 38.31 -2.07 -19.85
CA LEU A 150 39.76 -2.06 -20.10
C LEU A 150 40.10 -2.86 -21.35
N ILE A 151 41.02 -2.33 -22.16
CA ILE A 151 41.56 -3.03 -23.34
C ILE A 151 43.09 -2.97 -23.37
N LYS A 152 43.68 -3.78 -24.26
CA LYS A 152 45.13 -3.89 -24.39
C LYS A 152 45.85 -2.56 -24.63
N LYS A 153 47.07 -2.46 -24.12
CA LYS A 153 47.90 -1.25 -24.25
C LYS A 153 49.24 -1.61 -24.89
N ASN A 154 49.54 -0.95 -26.01
CA ASN A 154 50.71 -1.26 -26.83
C ASN A 154 50.81 -2.76 -27.16
N SER A 155 49.69 -3.32 -27.61
CA SER A 155 49.62 -4.70 -28.09
C SER A 155 49.82 -5.77 -27.01
N THR A 156 49.57 -5.43 -25.74
CA THR A 156 49.68 -6.41 -24.65
C THR A 156 48.65 -6.14 -23.56
N TYR A 157 48.07 -7.21 -23.02
CA TYR A 157 47.16 -7.13 -21.87
C TYR A 157 47.75 -7.99 -20.74
N PRO A 158 48.59 -7.38 -19.88
CA PRO A 158 49.18 -8.16 -18.79
C PRO A 158 48.16 -8.49 -17.72
N THR A 159 48.43 -9.52 -16.93
CA THR A 159 47.48 -9.97 -15.92
C THR A 159 47.24 -8.86 -14.89
N ILE A 160 45.96 -8.62 -14.61
CA ILE A 160 45.52 -7.63 -13.62
C ILE A 160 45.41 -8.29 -12.25
N LYS A 161 46.01 -7.67 -11.23
CA LYS A 161 45.88 -8.14 -9.86
C LYS A 161 45.60 -6.94 -8.96
N ARG A 162 44.32 -6.58 -8.83
CA ARG A 162 43.91 -5.46 -7.99
C ARG A 162 43.13 -5.93 -6.78
N SER A 163 43.18 -5.12 -5.74
CA SER A 163 42.46 -5.40 -4.50
C SER A 163 41.92 -4.10 -3.92
N TYR A 164 40.68 -4.14 -3.44
CA TYR A 164 40.13 -3.01 -2.68
C TYR A 164 39.68 -3.46 -1.31
N ASN A 165 39.87 -2.58 -0.32
CA ASN A 165 39.59 -2.87 1.06
C ASN A 165 38.48 -1.96 1.57
N ASN A 166 37.44 -2.55 2.17
CA ASN A 166 36.33 -1.78 2.70
C ASN A 166 36.67 -1.23 4.08
N THR A 167 37.35 -0.09 4.11
CA THR A 167 37.77 0.55 5.36
C THR A 167 36.62 1.29 6.04
N ASN A 168 35.86 2.04 5.24
CA ASN A 168 34.64 2.71 5.72
C ASN A 168 33.65 1.77 6.43
N GLN A 169 32.81 2.36 7.29
CA GLN A 169 31.94 1.59 8.20
C GLN A 169 30.76 0.89 7.53
N GLU A 170 30.33 1.37 6.37
CA GLU A 170 29.10 0.93 5.72
C GLU A 170 29.33 -0.14 4.67
N ASP A 171 28.47 -1.17 4.66
CA ASP A 171 28.46 -2.19 3.60
C ASP A 171 28.56 -1.52 2.25
N LEU A 172 29.28 -2.15 1.33
CA LEU A 172 29.54 -1.56 0.02
C LEU A 172 28.98 -2.43 -1.11
N LEU A 173 28.23 -1.80 -2.02
CA LEU A 173 27.74 -2.48 -3.21
C LEU A 173 28.75 -2.33 -4.33
N VAL A 174 29.43 -3.41 -4.67
CA VAL A 174 30.43 -3.42 -5.74
C VAL A 174 29.86 -4.07 -7.00
N LEU A 175 30.04 -3.40 -8.14
CA LEU A 175 29.57 -3.88 -9.43
C LEU A 175 30.71 -4.03 -10.41
N TRP A 176 30.77 -5.17 -11.09
CA TRP A 176 31.73 -5.38 -12.17
C TRP A 176 31.06 -6.12 -13.33
N GLY A 177 31.84 -6.51 -14.33
CA GLY A 177 31.26 -7.24 -15.47
C GLY A 177 32.28 -7.93 -16.34
N ILE A 178 31.78 -8.64 -17.34
CA ILE A 178 32.62 -9.36 -18.27
C ILE A 178 32.09 -9.18 -19.69
N HIS A 179 33.00 -9.01 -20.65
CA HIS A 179 32.62 -8.81 -22.05
C HIS A 179 32.70 -10.13 -22.80
N HIS A 180 31.61 -10.49 -23.48
CA HIS A 180 31.58 -11.66 -24.34
C HIS A 180 31.71 -11.16 -25.77
N PRO A 181 32.88 -11.37 -26.40
CA PRO A 181 33.06 -10.87 -27.75
C PRO A 181 32.38 -11.76 -28.79
N ASN A 182 32.26 -11.22 -30.01
CA ASN A 182 31.55 -11.90 -31.09
C ASN A 182 32.30 -13.12 -31.63
N ASP A 183 33.61 -12.97 -31.85
CA ASP A 183 34.45 -14.03 -32.41
C ASP A 183 35.89 -14.01 -31.90
N ALA A 184 36.68 -15.00 -32.29
CA ALA A 184 38.08 -15.12 -31.88
C ALA A 184 38.94 -13.94 -32.33
N ALA A 185 38.61 -13.35 -33.47
CA ALA A 185 39.35 -12.20 -34.02
C ALA A 185 39.15 -10.96 -33.16
N GLU A 186 37.90 -10.72 -32.75
CA GLU A 186 37.57 -9.60 -31.86
C GLU A 186 38.25 -9.74 -30.51
N GLN A 187 38.31 -10.97 -29.99
CA GLN A 187 38.97 -11.27 -28.71
C GLN A 187 40.43 -10.80 -28.72
N THR A 188 41.19 -11.24 -29.72
CA THR A 188 42.60 -10.85 -29.85
C THR A 188 42.75 -9.36 -30.19
N LYS A 189 41.82 -8.84 -31.00
CA LYS A 189 41.84 -7.42 -31.37
C LYS A 189 41.74 -6.50 -30.15
N LEU A 190 40.92 -6.88 -29.17
CA LEU A 190 40.70 -6.07 -27.96
C LEU A 190 41.62 -6.43 -26.80
N TYR A 191 41.89 -7.73 -26.63
CA TYR A 191 42.55 -8.23 -25.42
C TYR A 191 43.81 -9.06 -25.65
N ARG A 192 44.27 -9.19 -26.90
CA ARG A 192 45.43 -10.04 -27.23
C ARG A 192 45.20 -11.52 -26.92
N ASN A 193 45.14 -11.84 -25.62
CA ASN A 193 45.05 -13.21 -25.14
C ASN A 193 43.79 -13.92 -25.65
N PRO A 194 43.94 -15.15 -26.19
CA PRO A 194 42.77 -15.86 -26.70
C PRO A 194 41.90 -16.48 -25.61
N THR A 195 42.52 -17.06 -24.59
CA THR A 195 41.80 -17.66 -23.46
C THR A 195 41.97 -16.80 -22.21
N THR A 196 40.88 -16.27 -21.70
CA THR A 196 40.93 -15.33 -20.57
C THR A 196 39.96 -15.69 -19.46
N TYR A 197 40.04 -14.94 -18.37
CA TYR A 197 39.18 -15.15 -17.22
C TYR A 197 39.15 -13.91 -16.36
N ILE A 198 38.19 -13.89 -15.42
CA ILE A 198 38.16 -12.92 -14.34
C ILE A 198 37.86 -13.70 -13.08
N SER A 199 38.77 -13.66 -12.11
CA SER A 199 38.54 -14.30 -10.84
C SER A 199 38.28 -13.25 -9.78
N VAL A 200 37.23 -13.44 -9.00
CA VAL A 200 36.83 -12.51 -7.97
C VAL A 200 36.74 -13.25 -6.65
N GLY A 201 37.32 -12.66 -5.60
CA GLY A 201 37.30 -13.26 -4.28
C GLY A 201 37.01 -12.24 -3.19
N THR A 202 36.19 -12.65 -2.22
CA THR A 202 36.00 -11.89 -0.99
C THR A 202 36.11 -12.88 0.17
N SER A 203 35.59 -12.50 1.33
CA SER A 203 35.50 -13.43 2.46
C SER A 203 34.64 -14.64 2.09
N THR A 204 33.54 -14.39 1.39
CA THR A 204 32.60 -15.44 1.01
C THR A 204 32.71 -15.83 -0.47
N LEU A 205 32.88 -14.83 -1.33
CA LEU A 205 32.84 -15.04 -2.78
C LEU A 205 34.07 -15.81 -3.32
N ASN A 206 33.82 -16.75 -4.22
CA ASN A 206 34.88 -17.48 -4.92
C ASN A 206 34.48 -17.72 -6.37
N GLN A 207 34.64 -16.68 -7.18
CA GLN A 207 34.13 -16.66 -8.53
C GLN A 207 35.25 -16.81 -9.57
N ARG A 208 34.92 -17.42 -10.70
CA ARG A 208 35.81 -17.43 -11.86
C ARG A 208 34.96 -17.38 -13.13
N LEU A 209 34.97 -16.23 -13.78
CA LEU A 209 34.19 -16.02 -14.99
C LEU A 209 35.08 -16.27 -16.21
N VAL A 210 34.52 -16.92 -17.23
CA VAL A 210 35.20 -17.07 -18.51
C VAL A 210 34.29 -16.55 -19.62
N PRO A 211 34.86 -15.78 -20.58
CA PRO A 211 34.03 -15.31 -21.69
C PRO A 211 33.51 -16.45 -22.56
N ARG A 212 32.36 -16.21 -23.18
CA ARG A 212 31.65 -17.23 -23.95
C ARG A 212 31.47 -16.70 -25.37
N ILE A 213 32.24 -17.25 -26.30
CA ILE A 213 32.17 -16.85 -27.70
C ILE A 213 30.97 -17.48 -28.37
N ALA A 214 30.29 -16.71 -29.22
CA ALA A 214 29.10 -17.18 -29.91
C ALA A 214 28.62 -16.15 -30.92
N THR A 215 28.26 -16.62 -32.11
CA THR A 215 27.58 -15.79 -33.09
C THR A 215 26.20 -15.45 -32.54
N ARG A 216 25.90 -14.16 -32.44
CA ARG A 216 24.66 -13.69 -31.83
C ARG A 216 23.98 -12.63 -32.68
N SER A 217 22.68 -12.47 -32.45
CA SER A 217 21.91 -11.42 -33.09
C SER A 217 22.43 -10.05 -32.66
N LYS A 218 22.22 -9.04 -33.50
CA LYS A 218 22.59 -7.68 -33.15
C LYS A 218 21.49 -7.07 -32.28
N VAL A 219 21.90 -6.42 -31.20
CA VAL A 219 20.99 -5.73 -30.30
C VAL A 219 21.59 -4.36 -30.02
N ASN A 220 20.85 -3.31 -30.33
CA ASN A 220 21.38 -1.94 -30.32
C ASN A 220 22.70 -1.83 -31.13
N GLY A 221 22.78 -2.58 -32.22
CA GLY A 221 23.93 -2.57 -33.10
C GLY A 221 25.14 -3.37 -32.65
N GLN A 222 25.01 -4.16 -31.58
CA GLN A 222 26.15 -4.87 -31.03
C GLN A 222 26.00 -6.38 -31.06
N ASN A 223 27.10 -7.06 -31.42
CA ASN A 223 27.18 -8.52 -31.40
C ASN A 223 27.66 -9.00 -30.05
N GLY A 224 28.60 -8.27 -29.47
CA GLY A 224 29.12 -8.58 -28.15
C GLY A 224 28.06 -8.46 -27.07
N ARG A 225 28.33 -9.07 -25.92
CA ARG A 225 27.44 -8.99 -24.76
C ARG A 225 28.22 -8.61 -23.52
N MET A 226 27.54 -7.97 -22.58
CA MET A 226 28.10 -7.64 -21.28
C MET A 226 27.25 -8.31 -20.22
N GLU A 227 27.88 -9.09 -19.36
CA GLU A 227 27.22 -9.75 -18.24
C GLU A 227 27.74 -9.11 -16.98
N PHE A 228 26.85 -8.48 -16.21
CA PHE A 228 27.26 -7.76 -15.01
C PHE A 228 26.96 -8.56 -13.75
N PHE A 229 27.83 -8.39 -12.75
CA PHE A 229 27.72 -9.11 -11.50
C PHE A 229 27.86 -8.12 -10.35
N TRP A 230 27.49 -8.56 -9.16
CA TRP A 230 27.57 -7.71 -7.99
C TRP A 230 27.82 -8.50 -6.73
N THR A 231 28.18 -7.78 -5.67
CA THR A 231 28.30 -8.36 -4.35
C THR A 231 28.21 -7.26 -3.30
N ILE A 232 27.91 -7.65 -2.07
CA ILE A 232 27.94 -6.75 -0.92
C ILE A 232 29.23 -7.03 -0.18
N LEU A 233 30.12 -6.05 -0.18
CA LEU A 233 31.40 -6.18 0.51
C LEU A 233 31.22 -5.69 1.94
N LYS A 234 31.41 -6.59 2.90
CA LYS A 234 31.30 -6.29 4.33
C LYS A 234 32.33 -5.25 4.77
N PRO A 235 32.16 -4.67 5.98
CA PRO A 235 33.24 -3.80 6.48
C PRO A 235 34.49 -4.62 6.77
N ASN A 236 35.66 -4.02 6.63
CA ASN A 236 36.92 -4.68 6.93
C ASN A 236 37.23 -5.90 6.06
N ASP A 237 36.54 -6.02 4.93
CA ASP A 237 36.76 -7.14 4.01
C ASP A 237 37.30 -6.59 2.70
N ALA A 238 38.06 -7.41 1.99
CA ALA A 238 38.70 -6.98 0.76
C ALA A 238 38.18 -7.79 -0.41
N ILE A 239 37.93 -7.12 -1.53
CA ILE A 239 37.60 -7.79 -2.78
C ILE A 239 38.87 -7.91 -3.66
N ASN A 240 39.09 -9.10 -4.21
CA ASN A 240 40.32 -9.42 -4.93
C ASN A 240 40.04 -9.78 -6.37
N PHE A 241 40.51 -8.95 -7.30
CA PHE A 241 40.33 -9.21 -8.73
C PHE A 241 41.60 -9.77 -9.35
N GLU A 242 41.43 -10.69 -10.29
CA GLU A 242 42.52 -11.14 -11.14
C GLU A 242 41.95 -11.48 -12.52
N SER A 243 42.57 -10.92 -13.56
CA SER A 243 42.10 -11.13 -14.93
C SER A 243 43.20 -10.87 -15.95
N ASN A 244 43.05 -11.47 -17.14
CA ASN A 244 43.94 -11.22 -18.27
C ASN A 244 43.16 -10.86 -19.55
N GLY A 245 41.96 -10.31 -19.38
CA GLY A 245 41.14 -9.87 -20.50
C GLY A 245 39.65 -9.95 -20.22
N ASN A 246 38.90 -9.15 -20.96
CA ASN A 246 37.42 -9.13 -20.92
C ASN A 246 36.84 -8.55 -19.63
N PHE A 247 37.69 -7.98 -18.80
CA PHE A 247 37.29 -7.50 -17.48
C PHE A 247 36.69 -6.10 -17.59
N ILE A 248 35.47 -5.95 -17.05
CA ILE A 248 34.85 -4.65 -16.90
C ILE A 248 35.02 -4.30 -15.43
N ALA A 249 35.95 -3.39 -15.15
CA ALA A 249 36.38 -3.14 -13.78
C ALA A 249 35.53 -2.09 -13.09
N PRO A 250 35.34 -2.22 -11.76
CA PRO A 250 34.64 -1.17 -11.04
C PRO A 250 35.46 0.10 -10.96
N GLU A 251 34.83 1.27 -11.15
CA GLU A 251 35.46 2.54 -10.82
C GLU A 251 34.81 3.11 -9.57
N TYR A 252 33.49 3.25 -9.62
CA TYR A 252 32.70 3.73 -8.49
C TYR A 252 31.82 2.60 -7.94
N ALA A 253 31.74 2.55 -6.62
CA ALA A 253 30.81 1.66 -5.92
C ALA A 253 29.93 2.50 -4.99
N TYR A 254 28.87 1.90 -4.46
CA TYR A 254 27.90 2.63 -3.63
C TYR A 254 27.98 2.18 -2.16
N LYS A 255 28.14 3.15 -1.26
CA LYS A 255 28.02 2.88 0.18
C LYS A 255 26.54 2.85 0.55
N ILE A 256 26.18 1.90 1.41
CA ILE A 256 24.83 1.80 1.94
C ILE A 256 24.79 2.53 3.27
N VAL A 257 24.36 3.80 3.25
CA VAL A 257 24.41 4.61 4.46
C VAL A 257 23.13 4.51 5.30
N LYS A 258 21.97 4.52 4.63
CA LYS A 258 20.68 4.39 5.30
C LYS A 258 19.94 3.13 4.89
N LYS A 259 19.64 2.28 5.88
CA LYS A 259 18.75 1.14 5.67
C LYS A 259 17.39 1.47 6.28
N GLY A 260 16.33 0.85 5.74
CA GLY A 260 14.99 1.08 6.25
C GLY A 260 13.89 0.78 5.26
N ASP A 261 12.67 1.22 5.59
CA ASP A 261 11.49 0.87 4.80
C ASP A 261 11.42 1.66 3.50
N SER A 262 11.30 0.92 2.40
CA SER A 262 11.26 1.50 1.07
C SER A 262 10.57 0.47 0.17
N THR A 263 10.43 0.81 -1.10
CA THR A 263 9.81 -0.09 -2.06
C THR A 263 10.07 0.40 -3.47
N ILE A 264 10.02 -0.52 -4.43
CA ILE A 264 10.09 -0.16 -5.85
C ILE A 264 8.68 -0.27 -6.42
N MET A 265 8.15 0.87 -6.83
CA MET A 265 6.78 1.00 -7.29
C MET A 265 6.80 1.06 -8.80
N LYS A 266 5.91 0.32 -9.45
CA LYS A 266 5.80 0.34 -10.91
C LYS A 266 4.70 1.31 -11.28
N SER A 267 5.03 2.34 -12.04
CA SER A 267 4.09 3.39 -12.38
C SER A 267 4.60 4.24 -13.54
N GLU A 268 3.70 4.66 -14.41
CA GLU A 268 4.05 5.52 -15.54
C GLU A 268 3.95 7.01 -15.16
N LEU A 269 3.38 7.29 -14.01
CA LEU A 269 3.20 8.66 -13.54
C LEU A 269 4.54 9.31 -13.22
N GLU A 270 4.60 10.63 -13.38
CA GLU A 270 5.77 11.44 -13.00
C GLU A 270 5.46 12.16 -11.67
N TYR A 271 6.39 12.99 -11.22
CA TYR A 271 6.28 13.66 -9.91
C TYR A 271 5.12 14.67 -9.86
N GLY A 272 4.44 14.72 -8.72
CA GLY A 272 3.23 15.53 -8.57
C GLY A 272 3.38 16.84 -7.81
N ASN A 273 4.56 17.09 -7.24
CA ASN A 273 4.80 18.28 -6.39
C ASN A 273 3.80 18.33 -5.23
N CYS A 274 3.90 17.34 -4.35
CA CYS A 274 2.78 17.00 -3.46
C CYS A 274 3.29 16.27 -2.22
N ASN A 275 2.49 16.25 -1.16
CA ASN A 275 2.85 15.53 0.06
C ASN A 275 1.70 14.63 0.57
N THR A 276 2.04 13.50 1.19
CA THR A 276 1.06 12.52 1.64
C THR A 276 1.65 11.58 2.70
N LYS A 277 0.78 10.92 3.45
CA LYS A 277 1.19 9.89 4.42
C LYS A 277 0.99 8.47 3.89
N CYS A 278 0.40 8.35 2.70
CA CYS A 278 0.08 7.05 2.12
C CYS A 278 0.10 7.17 0.60
N GLN A 279 0.90 6.33 -0.06
CA GLN A 279 1.07 6.43 -1.51
C GLN A 279 0.79 5.09 -2.18
N THR A 280 0.13 5.17 -3.34
CA THR A 280 -0.09 4.01 -4.19
C THR A 280 0.46 4.30 -5.59
N PRO A 281 0.64 3.24 -6.41
CA PRO A 281 1.14 3.42 -7.78
C PRO A 281 0.25 4.27 -8.69
N MET A 282 -1.01 4.50 -8.31
CA MET A 282 -1.88 5.36 -9.13
C MET A 282 -2.29 6.67 -8.46
N GLY A 283 -1.78 6.93 -7.27
CA GLY A 283 -2.08 8.18 -6.58
C GLY A 283 -1.99 8.04 -5.07
N ALA A 284 -1.93 9.18 -4.39
CA ALA A 284 -1.81 9.22 -2.93
C ALA A 284 -3.18 9.22 -2.24
N ILE A 285 -3.20 8.80 -0.98
CA ILE A 285 -4.42 8.68 -0.19
C ILE A 285 -4.34 9.54 1.07
N ASN A 286 -5.38 10.32 1.30
CA ASN A 286 -5.50 11.12 2.51
C ASN A 286 -6.91 10.98 3.09
N SER A 287 -7.08 10.05 4.04
CA SER A 287 -8.36 9.88 4.72
C SER A 287 -8.20 9.15 6.05
N SER A 288 -9.28 9.16 6.84
CA SER A 288 -9.33 8.44 8.12
C SER A 288 -10.09 7.12 8.04
N MET A 289 -10.49 6.72 6.83
CA MET A 289 -11.22 5.47 6.65
C MET A 289 -10.33 4.28 7.06
N PRO A 290 -10.93 3.23 7.63
CA PRO A 290 -10.14 2.04 7.92
C PRO A 290 -9.83 1.20 6.68
N PHE A 291 -10.54 1.41 5.58
CA PHE A 291 -10.34 0.64 4.35
C PHE A 291 -10.22 1.54 3.15
N HIS A 292 -9.58 1.04 2.09
CA HIS A 292 -9.65 1.66 0.77
C HIS A 292 -9.66 0.57 -0.31
N ASN A 293 -9.96 0.96 -1.54
CA ASN A 293 -9.95 0.04 -2.67
C ASN A 293 -9.17 0.54 -3.90
N ILE A 294 -8.19 1.42 -3.66
CA ILE A 294 -7.39 2.01 -4.73
C ILE A 294 -6.40 1.03 -5.37
N HIS A 295 -5.53 0.45 -4.56
CA HIS A 295 -4.48 -0.43 -5.06
C HIS A 295 -3.83 -1.19 -3.88
N PRO A 296 -3.47 -2.48 -4.07
CA PRO A 296 -2.94 -3.25 -2.93
C PRO A 296 -1.52 -2.87 -2.50
N LEU A 297 -0.68 -2.45 -3.44
CA LEU A 297 0.71 -2.09 -3.13
C LEU A 297 0.84 -0.64 -2.65
N THR A 298 0.83 -0.45 -1.33
CA THR A 298 0.98 0.89 -0.78
C THR A 298 2.20 0.99 0.12
N ILE A 299 2.57 2.23 0.44
CA ILE A 299 3.65 2.51 1.38
C ILE A 299 3.22 3.68 2.25
N GLY A 300 3.59 3.63 3.54
CA GLY A 300 3.18 4.64 4.51
C GLY A 300 2.12 4.13 5.48
N GLU A 301 1.52 5.03 6.24
CA GLU A 301 0.46 4.67 7.18
C GLU A 301 -0.85 4.70 6.41
N CYS A 302 -1.31 3.53 5.97
CA CYS A 302 -2.42 3.43 5.04
C CYS A 302 -3.63 2.71 5.61
N PRO A 303 -4.81 2.95 5.02
CA PRO A 303 -5.94 2.08 5.33
C PRO A 303 -5.70 0.69 4.74
N LYS A 304 -6.52 -0.27 5.09
CA LYS A 304 -6.35 -1.63 4.57
C LYS A 304 -7.05 -1.78 3.25
N TYR A 305 -6.39 -2.45 2.31
CA TYR A 305 -6.93 -2.62 0.99
C TYR A 305 -7.93 -3.77 0.97
N VAL A 306 -9.09 -3.51 0.36
CA VAL A 306 -10.07 -4.55 0.03
C VAL A 306 -10.54 -4.35 -1.40
N LYS A 307 -11.03 -5.42 -2.02
CA LYS A 307 -11.58 -5.36 -3.38
C LYS A 307 -13.07 -4.97 -3.46
N SER A 308 -13.64 -4.39 -2.40
CA SER A 308 -15.05 -3.98 -2.42
C SER A 308 -15.25 -2.69 -3.21
N ASN A 309 -16.47 -2.52 -3.70
CA ASN A 309 -16.93 -1.24 -4.25
C ASN A 309 -17.64 -0.39 -3.20
N ARG A 310 -18.06 -1.02 -2.10
CA ARG A 310 -18.93 -0.39 -1.13
C ARG A 310 -18.87 -1.07 0.26
N LEU A 311 -18.50 -0.31 1.29
CA LEU A 311 -18.64 -0.78 2.68
C LEU A 311 -19.28 0.33 3.51
N VAL A 312 -20.53 0.12 3.89
CA VAL A 312 -21.30 1.11 4.66
C VAL A 312 -21.97 0.44 5.85
N LEU A 313 -21.62 0.90 7.06
CA LEU A 313 -22.21 0.41 8.32
C LEU A 313 -23.42 1.23 8.70
N ALA A 314 -24.49 0.54 9.09
CA ALA A 314 -25.63 1.19 9.73
C ALA A 314 -25.21 1.63 11.12
N THR A 315 -25.60 2.86 11.46
CA THR A 315 -25.49 3.35 12.84
C THR A 315 -26.88 3.62 13.39
N GLY A 316 -27.69 4.29 12.58
CA GLY A 316 -29.06 4.58 12.96
C GLY A 316 -29.98 3.42 12.64
N LEU A 317 -31.26 3.74 12.56
CA LEU A 317 -32.29 2.72 12.44
C LEU A 317 -33.04 2.86 11.12
N ARG A 318 -33.88 1.86 10.84
CA ARG A 318 -34.63 1.78 9.59
C ARG A 318 -35.53 2.98 9.45
N ASN A 319 -35.29 3.75 8.39
CA ASN A 319 -35.99 5.02 8.16
C ASN A 319 -37.31 4.79 7.47
N SER A 320 -38.30 5.61 7.84
CA SER A 320 -39.67 5.46 7.37
C SER A 320 -39.90 6.28 6.10
N PRO A 321 -40.76 5.79 5.18
CA PRO A 321 -41.13 6.51 3.96
C PRO A 321 -42.34 7.43 4.13
N GLY B 1 -38.73 -6.42 11.74
CA GLY B 1 -37.55 -6.79 12.57
C GLY B 1 -37.85 -7.86 13.60
N LEU B 2 -36.80 -8.43 14.17
CA LEU B 2 -36.96 -9.56 15.05
C LEU B 2 -37.84 -9.23 16.27
N PHE B 3 -37.82 -7.98 16.72
CA PHE B 3 -38.48 -7.62 17.99
C PHE B 3 -39.86 -7.00 17.83
N GLY B 4 -40.28 -6.81 16.58
CA GLY B 4 -41.67 -6.50 16.28
C GLY B 4 -42.08 -5.04 16.43
N ALA B 5 -41.21 -4.21 16.98
CA ALA B 5 -41.59 -2.82 17.24
C ALA B 5 -41.45 -1.94 16.01
N ILE B 6 -40.23 -1.74 15.53
CA ILE B 6 -39.95 -0.83 14.43
C ILE B 6 -40.56 -1.34 13.11
N ALA B 7 -41.36 -0.51 12.46
CA ALA B 7 -42.13 -0.94 11.28
C ALA B 7 -42.83 -2.26 11.55
N GLY B 8 -43.35 -2.40 12.76
CA GLY B 8 -44.18 -3.54 13.16
C GLY B 8 -45.47 -3.02 13.76
N PHE B 9 -45.61 -3.10 15.07
CA PHE B 9 -46.78 -2.56 15.73
C PHE B 9 -46.67 -1.03 15.87
N ILE B 10 -45.46 -0.50 15.70
CA ILE B 10 -45.28 0.93 15.53
C ILE B 10 -45.00 1.15 14.04
N GLU B 11 -46.01 1.64 13.32
CA GLU B 11 -45.99 1.65 11.86
C GLU B 11 -44.81 2.41 11.26
N GLY B 12 -44.47 3.54 11.85
CA GLY B 12 -43.39 4.37 11.34
C GLY B 12 -42.79 5.30 12.36
N GLY B 13 -41.60 5.81 12.04
CA GLY B 13 -40.90 6.75 12.91
C GLY B 13 -41.50 8.15 12.87
N TRP B 14 -40.88 9.06 13.61
CA TRP B 14 -41.37 10.43 13.80
C TRP B 14 -40.37 11.45 13.32
N GLN B 15 -40.71 12.15 12.23
CA GLN B 15 -39.92 13.30 11.79
C GLN B 15 -39.83 14.33 12.90
N GLY B 16 -40.88 14.43 13.71
CA GLY B 16 -40.97 15.42 14.77
C GLY B 16 -40.07 15.24 15.98
N MET B 17 -39.52 14.03 16.17
CA MET B 17 -38.63 13.79 17.29
C MET B 17 -37.18 13.90 16.87
N VAL B 18 -36.58 15.01 17.24
CA VAL B 18 -35.31 15.46 16.67
C VAL B 18 -34.11 15.16 17.59
N ASP B 19 -34.37 15.06 18.89
CA ASP B 19 -33.31 15.07 19.89
C ASP B 19 -33.03 13.69 20.49
N GLY B 20 -33.43 12.62 19.81
CA GLY B 20 -33.14 11.28 20.30
C GLY B 20 -33.57 10.21 19.32
N TRP B 21 -33.10 8.99 19.54
CA TRP B 21 -33.46 7.89 18.66
C TRP B 21 -34.82 7.31 19.05
N TYR B 22 -35.12 7.34 20.35
CA TYR B 22 -36.38 6.81 20.86
C TYR B 22 -36.96 7.75 21.88
N GLY B 23 -38.28 7.73 22.03
CA GLY B 23 -38.91 8.61 22.99
C GLY B 23 -40.41 8.50 23.02
N TYR B 24 -41.05 9.58 23.48
CA TYR B 24 -42.47 9.60 23.76
C TYR B 24 -43.16 10.72 23.03
N HIS B 25 -44.41 10.50 22.68
CA HIS B 25 -45.30 11.57 22.23
C HIS B 25 -46.51 11.58 23.15
N HIS B 26 -46.92 12.75 23.62
CA HIS B 26 -48.07 12.84 24.51
C HIS B 26 -49.13 13.78 23.93
N SER B 27 -50.37 13.55 24.33
CA SER B 27 -51.53 14.34 23.89
C SER B 27 -52.53 14.45 25.04
N ASN B 28 -52.83 15.69 25.43
CA ASN B 28 -53.82 15.94 26.47
C ASN B 28 -54.48 17.30 26.23
N GLU B 29 -55.24 17.80 27.20
CA GLU B 29 -55.96 19.06 27.00
C GLU B 29 -55.01 20.26 26.91
N GLN B 30 -53.85 20.17 27.55
CA GLN B 30 -52.87 21.27 27.55
C GLN B 30 -52.08 21.37 26.25
N GLY B 31 -52.06 20.28 25.47
CA GLY B 31 -51.33 20.25 24.20
C GLY B 31 -50.67 18.93 23.91
N SER B 32 -49.68 18.95 23.04
CA SER B 32 -48.99 17.72 22.66
C SER B 32 -47.55 17.98 22.23
N GLY B 33 -46.75 16.92 22.18
CA GLY B 33 -45.36 17.05 21.78
C GLY B 33 -44.51 15.80 21.99
N TYR B 34 -43.26 15.91 21.56
CA TYR B 34 -42.29 14.81 21.60
C TYR B 34 -41.28 15.02 22.69
N ALA B 35 -40.85 13.93 23.32
CA ALA B 35 -39.73 13.98 24.24
C ALA B 35 -38.86 12.71 24.09
N ALA B 36 -37.59 12.93 23.84
CA ALA B 36 -36.61 11.86 23.70
C ALA B 36 -36.36 11.21 25.06
N ASP B 37 -36.23 9.88 25.08
CA ASP B 37 -35.79 9.16 26.26
C ASP B 37 -34.26 9.15 26.24
N LYS B 38 -33.66 9.95 27.13
CA LYS B 38 -32.21 10.13 27.17
C LYS B 38 -31.46 8.81 27.40
N GLU B 39 -31.91 8.04 28.39
CA GLU B 39 -31.20 6.84 28.82
C GLU B 39 -31.06 5.78 27.73
N SER B 40 -32.17 5.40 27.12
CA SER B 40 -32.12 4.38 26.07
C SER B 40 -31.37 4.88 24.85
N THR B 41 -31.57 6.16 24.51
CA THR B 41 -30.84 6.78 23.41
C THR B 41 -29.34 6.70 23.64
N GLN B 42 -28.89 7.07 24.83
CA GLN B 42 -27.45 7.08 25.12
C GLN B 42 -26.84 5.67 25.16
N LYS B 43 -27.59 4.71 25.71
CA LYS B 43 -27.17 3.30 25.62
C LYS B 43 -27.00 2.86 24.17
N ALA B 44 -27.89 3.33 23.29
CA ALA B 44 -27.77 2.98 21.88
C ALA B 44 -26.53 3.62 21.25
N ILE B 45 -26.28 4.89 21.54
CA ILE B 45 -25.12 5.57 20.98
C ILE B 45 -23.81 4.90 21.42
N ASP B 46 -23.76 4.48 22.69
CA ASP B 46 -22.57 3.79 23.20
C ASP B 46 -22.34 2.44 22.52
N GLY B 47 -23.42 1.69 22.30
CA GLY B 47 -23.30 0.35 21.70
C GLY B 47 -22.83 0.40 20.26
N VAL B 48 -23.48 1.25 19.47
CA VAL B 48 -23.13 1.42 18.07
C VAL B 48 -21.71 1.97 17.92
N THR B 49 -21.33 2.90 18.79
CA THR B 49 -19.98 3.47 18.74
C THR B 49 -18.91 2.43 19.08
N ASN B 50 -19.15 1.64 20.12
CA ASN B 50 -18.23 0.55 20.45
C ASN B 50 -18.13 -0.45 19.30
N LYS B 51 -19.25 -0.70 18.62
CA LYS B 51 -19.28 -1.65 17.53
C LYS B 51 -18.38 -1.18 16.40
N VAL B 52 -18.57 0.06 15.98
CA VAL B 52 -17.80 0.62 14.89
C VAL B 52 -16.31 0.51 15.23
N ASN B 53 -15.92 1.03 16.40
CA ASN B 53 -14.52 0.96 16.80
C ASN B 53 -14.02 -0.49 16.87
N SER B 54 -14.86 -1.40 17.35
CA SER B 54 -14.48 -2.81 17.40
C SER B 54 -14.19 -3.35 16.01
N ILE B 55 -15.04 -3.00 15.04
CA ILE B 55 -14.87 -3.41 13.66
C ILE B 55 -13.59 -2.84 13.08
N ILE B 56 -13.38 -1.53 13.25
CA ILE B 56 -12.16 -0.88 12.76
C ILE B 56 -10.92 -1.55 13.35
N ASP B 57 -10.95 -1.77 14.67
CA ASP B 57 -9.80 -2.32 15.41
C ASP B 57 -9.41 -3.72 14.93
N LYS B 58 -10.40 -4.61 14.79
CA LYS B 58 -10.15 -5.99 14.36
C LYS B 58 -9.53 -6.09 12.97
N MET B 59 -9.85 -5.14 12.10
CA MET B 59 -9.33 -5.16 10.73
C MET B 59 -8.00 -4.41 10.58
N ASN B 60 -7.44 -3.91 11.68
CA ASN B 60 -6.20 -3.12 11.63
C ASN B 60 -4.95 -3.97 11.38
N THR B 61 -5.01 -5.24 11.79
CA THR B 61 -3.93 -6.18 11.54
C THR B 61 -4.38 -7.08 10.42
N GLN B 62 -3.92 -6.78 9.21
CA GLN B 62 -4.38 -7.45 8.00
C GLN B 62 -3.30 -7.42 6.92
N PHE B 63 -3.37 -8.37 5.99
CA PHE B 63 -2.34 -8.61 4.99
C PHE B 63 -1.98 -7.38 4.17
N GLU B 64 -0.68 -7.15 4.00
CA GLU B 64 -0.16 -6.07 3.17
C GLU B 64 0.71 -6.66 2.08
N ALA B 65 0.41 -6.35 0.83
CA ALA B 65 1.17 -6.86 -0.30
C ALA B 65 2.48 -6.07 -0.49
N VAL B 66 3.50 -6.77 -0.98
CA VAL B 66 4.80 -6.18 -1.25
C VAL B 66 5.24 -6.54 -2.67
N GLY B 67 5.99 -5.64 -3.32
CA GLY B 67 6.50 -5.88 -4.66
C GLY B 67 7.65 -6.88 -4.67
N ARG B 68 7.52 -7.89 -5.53
CA ARG B 68 8.59 -8.85 -5.80
C ARG B 68 8.63 -9.13 -7.29
N GLU B 69 9.83 -9.09 -7.87
CA GLU B 69 10.01 -9.32 -9.29
C GLU B 69 10.71 -10.63 -9.53
N PHE B 70 10.45 -11.21 -10.70
CA PHE B 70 10.97 -12.52 -11.06
C PHE B 70 11.32 -12.53 -12.53
N ASN B 71 12.38 -13.26 -12.90
CA ASN B 71 12.82 -13.28 -14.30
C ASN B 71 11.98 -14.24 -15.13
N ASN B 72 12.32 -14.39 -16.39
CA ASN B 72 11.52 -15.18 -17.32
C ASN B 72 11.51 -16.69 -17.03
N LEU B 73 12.51 -17.18 -16.29
CA LEU B 73 12.56 -18.60 -15.89
C LEU B 73 12.29 -18.79 -14.38
N GLU B 74 11.48 -17.89 -13.82
CA GLU B 74 11.00 -18.02 -12.45
C GLU B 74 9.47 -17.84 -12.44
N ARG B 75 8.82 -18.34 -13.48
CA ARG B 75 7.38 -18.15 -13.64
C ARG B 75 6.57 -18.89 -12.58
N ARG B 76 7.03 -20.06 -12.16
CA ARG B 76 6.31 -20.82 -11.15
C ARG B 76 6.20 -20.07 -9.83
N ILE B 77 7.32 -19.63 -9.27
CA ILE B 77 7.30 -18.84 -8.03
C ILE B 77 6.68 -17.44 -8.22
N GLU B 78 6.75 -16.88 -9.42
CA GLU B 78 6.05 -15.64 -9.69
C GLU B 78 4.56 -15.89 -9.54
N ASN B 79 4.10 -17.03 -10.06
CA ASN B 79 2.70 -17.39 -10.02
C ASN B 79 2.27 -17.71 -8.60
N LEU B 80 3.16 -18.37 -7.88
CA LEU B 80 2.93 -18.70 -6.47
C LEU B 80 2.73 -17.41 -5.71
N ASN B 81 3.59 -16.43 -5.99
CA ASN B 81 3.54 -15.14 -5.32
C ASN B 81 2.24 -14.42 -5.62
N LYS B 82 1.81 -14.47 -6.87
CA LYS B 82 0.60 -13.79 -7.29
C LYS B 82 -0.60 -14.40 -6.59
N LYS B 83 -0.64 -15.73 -6.57
CA LYS B 83 -1.78 -16.46 -5.99
C LYS B 83 -1.85 -16.30 -4.49
N MET B 84 -0.71 -16.22 -3.83
CA MET B 84 -0.66 -15.91 -2.41
C MET B 84 -1.22 -14.53 -2.13
N GLU B 85 -0.73 -13.51 -2.84
CA GLU B 85 -1.16 -12.14 -2.60
C GLU B 85 -2.67 -12.04 -2.79
N ASP B 86 -3.13 -12.52 -3.94
CA ASP B 86 -4.55 -12.48 -4.28
C ASP B 86 -5.41 -13.26 -3.33
N GLY B 87 -4.91 -14.41 -2.90
CA GLY B 87 -5.63 -15.25 -1.95
C GLY B 87 -5.97 -14.52 -0.67
N PHE B 88 -4.99 -13.80 -0.12
CA PHE B 88 -5.21 -13.06 1.12
C PHE B 88 -6.15 -11.87 0.91
N LEU B 89 -6.02 -11.16 -0.20
CA LEU B 89 -6.96 -10.07 -0.51
C LEU B 89 -8.40 -10.57 -0.56
N ASP B 90 -8.61 -11.71 -1.20
CA ASP B 90 -9.94 -12.31 -1.28
C ASP B 90 -10.46 -12.72 0.11
N VAL B 91 -9.59 -13.24 0.95
CA VAL B 91 -9.97 -13.61 2.30
C VAL B 91 -10.37 -12.36 3.09
N TRP B 92 -9.56 -11.31 3.05
CA TRP B 92 -9.87 -10.09 3.78
C TRP B 92 -11.07 -9.33 3.20
N THR B 93 -11.22 -9.34 1.88
CA THR B 93 -12.39 -8.75 1.27
C THR B 93 -13.65 -9.45 1.77
N TYR B 94 -13.61 -10.79 1.79
CA TYR B 94 -14.74 -11.59 2.29
C TYR B 94 -15.04 -11.23 3.74
N ASN B 95 -14.01 -11.25 4.58
CA ASN B 95 -14.16 -10.92 6.00
C ASN B 95 -14.81 -9.56 6.21
N ALA B 96 -14.35 -8.55 5.49
CA ALA B 96 -14.90 -7.20 5.63
C ALA B 96 -16.36 -7.17 5.22
N GLU B 97 -16.66 -7.69 4.04
CA GLU B 97 -18.01 -7.59 3.50
C GLU B 97 -19.01 -8.36 4.36
N LEU B 98 -18.59 -9.49 4.91
CA LEU B 98 -19.48 -10.33 5.70
C LEU B 98 -19.73 -9.69 7.05
N LEU B 99 -18.67 -9.15 7.65
CA LEU B 99 -18.80 -8.50 8.95
C LEU B 99 -19.81 -7.36 8.84
N VAL B 100 -19.67 -6.56 7.78
CA VAL B 100 -20.58 -5.44 7.58
C VAL B 100 -22.04 -5.91 7.42
N LEU B 101 -22.27 -6.89 6.55
CA LEU B 101 -23.62 -7.45 6.38
C LEU B 101 -24.18 -7.98 7.71
N MET B 102 -23.39 -8.78 8.42
CA MET B 102 -23.87 -9.39 9.66
C MET B 102 -24.14 -8.36 10.74
N GLU B 103 -23.24 -7.40 10.90
CA GLU B 103 -23.40 -6.43 11.98
C GLU B 103 -24.44 -5.36 11.66
N ASN B 104 -24.64 -5.03 10.38
CA ASN B 104 -25.76 -4.20 9.98
C ASN B 104 -27.09 -4.84 10.39
N GLU B 105 -27.24 -6.13 10.16
CA GLU B 105 -28.42 -6.83 10.61
C GLU B 105 -28.55 -6.71 12.13
N ARG B 106 -27.48 -7.00 12.85
CA ARG B 106 -27.55 -6.88 14.30
C ARG B 106 -27.88 -5.46 14.76
N THR B 107 -27.33 -4.45 14.09
CA THR B 107 -27.58 -3.05 14.50
C THR B 107 -29.05 -2.67 14.33
N LEU B 108 -29.65 -3.02 13.19
CA LEU B 108 -31.06 -2.73 12.98
C LEU B 108 -31.93 -3.43 14.04
N ASP B 109 -31.68 -4.71 14.29
CA ASP B 109 -32.38 -5.44 15.35
C ASP B 109 -32.18 -4.83 16.75
N PHE B 110 -30.97 -4.35 17.04
CA PHE B 110 -30.65 -3.69 18.31
C PHE B 110 -31.59 -2.53 18.58
N HIS B 111 -31.78 -1.67 17.56
CA HIS B 111 -32.68 -0.53 17.68
C HIS B 111 -34.13 -0.96 17.92
N ASP B 112 -34.55 -1.98 17.18
CA ASP B 112 -35.88 -2.55 17.32
C ASP B 112 -36.06 -3.04 18.76
N SER B 113 -35.07 -3.76 19.27
CA SER B 113 -35.08 -4.21 20.65
C SER B 113 -35.19 -3.06 21.66
N ASN B 114 -34.41 -2.01 21.47
CA ASN B 114 -34.48 -0.89 22.40
C ASN B 114 -35.86 -0.24 22.40
N VAL B 115 -36.52 -0.17 21.24
CA VAL B 115 -37.86 0.40 21.16
C VAL B 115 -38.85 -0.50 21.89
N LYS B 116 -38.81 -1.79 21.56
CA LYS B 116 -39.67 -2.76 22.20
C LYS B 116 -39.54 -2.73 23.73
N ASN B 117 -38.31 -2.64 24.23
CA ASN B 117 -38.10 -2.59 25.68
C ASN B 117 -38.65 -1.31 26.29
N LEU B 118 -38.54 -0.21 25.56
CA LEU B 118 -39.06 1.06 26.07
C LEU B 118 -40.58 1.00 26.14
N TYR B 119 -41.19 0.43 25.12
CA TYR B 119 -42.63 0.21 25.11
C TYR B 119 -43.05 -0.70 26.28
N ASP B 120 -42.27 -1.73 26.56
CA ASP B 120 -42.63 -2.62 27.67
C ASP B 120 -42.44 -1.95 29.04
N LYS B 121 -41.35 -1.19 29.19
CA LYS B 121 -41.12 -0.43 30.42
C LYS B 121 -42.32 0.43 30.78
N VAL B 122 -42.90 1.09 29.79
CA VAL B 122 -44.10 1.90 29.98
C VAL B 122 -45.33 1.05 30.22
N ARG B 123 -45.52 0.00 29.43
CA ARG B 123 -46.64 -0.91 29.62
C ARG B 123 -46.67 -1.46 31.06
N LEU B 124 -45.51 -1.85 31.58
CA LEU B 124 -45.40 -2.42 32.93
C LEU B 124 -45.70 -1.41 34.05
N GLN B 125 -45.62 -0.12 33.74
CA GLN B 125 -45.97 0.93 34.70
C GLN B 125 -47.45 1.17 34.73
N LEU B 126 -48.04 1.40 33.56
CA LEU B 126 -49.45 1.75 33.46
C LEU B 126 -50.35 0.61 33.88
N ARG B 127 -49.98 -0.61 33.52
CA ARG B 127 -50.76 -1.81 33.90
C ARG B 127 -52.22 -1.69 33.44
N ASP B 128 -53.16 -1.49 34.37
CA ASP B 128 -54.58 -1.45 34.02
C ASP B 128 -55.17 -0.03 34.07
N ASN B 129 -54.33 0.98 34.25
CA ASN B 129 -54.78 2.37 34.26
C ASN B 129 -54.84 3.01 32.85
N ALA B 130 -54.66 2.21 31.80
CA ALA B 130 -54.63 2.73 30.43
C ALA B 130 -54.97 1.65 29.42
N LYS B 131 -55.68 2.01 28.35
CA LYS B 131 -55.96 1.06 27.27
C LYS B 131 -54.77 0.94 26.34
N GLU B 132 -54.30 -0.28 26.13
CA GLU B 132 -53.24 -0.54 25.17
C GLU B 132 -53.89 -0.56 23.78
N LEU B 133 -53.61 0.44 22.97
CA LEU B 133 -54.33 0.63 21.70
C LEU B 133 -53.87 -0.28 20.58
N GLY B 134 -52.63 -0.75 20.64
CA GLY B 134 -52.08 -1.69 19.67
C GLY B 134 -51.11 -1.11 18.67
N ASN B 135 -50.82 0.19 18.78
CA ASN B 135 -50.03 0.91 17.77
C ASN B 135 -48.85 1.70 18.36
N GLY B 136 -48.49 1.37 19.60
CA GLY B 136 -47.46 2.09 20.32
C GLY B 136 -48.02 3.01 21.39
N CYS B 137 -49.33 3.21 21.41
CA CYS B 137 -49.95 4.20 22.29
C CYS B 137 -50.77 3.59 23.40
N PHE B 138 -50.89 4.35 24.48
CA PHE B 138 -51.70 4.01 25.62
C PHE B 138 -52.66 5.15 25.86
N GLU B 139 -53.95 4.85 25.94
CA GLU B 139 -54.97 5.83 26.18
C GLU B 139 -55.39 5.74 27.64
N PHE B 140 -55.25 6.83 28.38
CA PHE B 140 -55.50 6.85 29.83
C PHE B 140 -56.98 6.83 30.20
N TYR B 141 -57.31 6.23 31.34
CA TYR B 141 -58.69 6.24 31.86
C TYR B 141 -58.97 7.52 32.64
N HIS B 142 -57.92 8.13 33.17
CA HIS B 142 -58.02 9.38 33.89
C HIS B 142 -57.42 10.49 33.04
N LYS B 143 -57.71 11.74 33.41
CA LYS B 143 -57.00 12.87 32.83
C LYS B 143 -55.54 12.76 33.25
N CYS B 144 -54.64 12.86 32.28
CA CYS B 144 -53.21 12.83 32.53
C CYS B 144 -52.62 14.15 32.04
N ASP B 145 -52.42 15.09 32.96
CA ASP B 145 -51.82 16.40 32.62
C ASP B 145 -50.31 16.25 32.39
N ASN B 146 -49.63 17.35 32.11
CA ASN B 146 -48.21 17.31 31.77
C ASN B 146 -47.31 16.71 32.84
N GLU B 147 -47.59 17.00 34.10
CA GLU B 147 -46.80 16.40 35.20
C GLU B 147 -47.14 14.91 35.39
N CYS B 148 -48.38 14.54 35.10
CA CYS B 148 -48.76 13.13 35.01
C CYS B 148 -47.97 12.45 33.88
N MET B 149 -47.89 13.11 32.73
CA MET B 149 -47.11 12.59 31.60
C MET B 149 -45.63 12.47 31.96
N GLU B 150 -45.08 13.51 32.58
CA GLU B 150 -43.68 13.49 32.98
C GLU B 150 -43.37 12.29 33.86
N SER B 151 -44.28 11.95 34.76
CA SER B 151 -44.09 10.83 35.68
C SER B 151 -44.03 9.48 34.96
N VAL B 152 -44.72 9.36 33.83
CA VAL B 152 -44.65 8.15 33.01
C VAL B 152 -43.27 8.02 32.37
N ARG B 153 -42.75 9.14 31.87
CA ARG B 153 -41.39 9.15 31.33
C ARG B 153 -40.35 8.98 32.43
N ASN B 154 -40.63 9.51 33.63
CA ASN B 154 -39.76 9.36 34.81
C ASN B 154 -39.42 7.91 35.15
N GLY B 155 -40.40 7.04 35.03
CA GLY B 155 -40.36 5.72 35.66
C GLY B 155 -41.05 5.76 37.02
N THR B 156 -41.80 6.85 37.27
CA THR B 156 -42.35 7.15 38.58
C THR B 156 -43.88 7.13 38.62
N TYR B 157 -44.51 6.85 37.49
CA TYR B 157 -45.98 6.93 37.39
C TYR B 157 -46.65 6.21 38.55
N ASP B 158 -47.18 6.98 39.48
CA ASP B 158 -47.77 6.42 40.69
C ASP B 158 -49.08 5.72 40.35
N TYR B 159 -48.99 4.42 40.10
CA TYR B 159 -50.13 3.60 39.69
C TYR B 159 -51.27 3.65 40.72
N PRO B 160 -50.98 3.41 42.01
CA PRO B 160 -52.04 3.40 43.04
C PRO B 160 -52.81 4.72 43.17
N GLN B 161 -52.16 5.85 42.85
CA GLN B 161 -52.80 7.16 42.86
C GLN B 161 -53.96 7.24 41.87
N TYR B 162 -53.91 6.42 40.82
CA TYR B 162 -54.99 6.34 39.84
C TYR B 162 -55.50 4.91 39.76
C1 NAG C . -29.71 -1.64 -4.64
C2 NAG C . -30.02 -2.53 -5.84
C3 NAG C . -28.96 -2.34 -6.92
C4 NAG C . -28.69 -0.88 -7.22
C5 NAG C . -28.49 -0.07 -5.95
C6 NAG C . -28.43 1.44 -6.24
C7 NAG C . -31.20 -4.60 -5.20
C8 NAG C . -31.08 -6.05 -4.80
N2 NAG C . -30.07 -3.93 -5.45
O3 NAG C . -29.37 -2.99 -8.10
O4 NAG C . -27.54 -0.79 -8.05
O5 NAG C . -29.56 -0.31 -5.08
O6 NAG C . -27.12 1.92 -6.01
O7 NAG C . -32.32 -4.10 -5.27
C1 NAG C . -27.88 -0.33 -9.37
C2 NAG C . -26.61 -0.26 -10.22
C3 NAG C . -26.92 0.16 -11.66
C4 NAG C . -28.11 -0.61 -12.22
C5 NAG C . -29.27 -0.63 -11.24
C6 NAG C . -30.44 -1.47 -11.75
C7 NAG C . -24.64 0.19 -8.84
C8 NAG C . -23.69 1.22 -8.30
N2 NAG C . -25.62 0.62 -9.64
O3 NAG C . -25.80 -0.05 -12.49
O4 NAG C . -28.49 -0.03 -13.45
O5 NAG C . -28.84 -1.14 -10.01
O6 NAG C . -31.59 -0.66 -11.89
O7 NAG C . -24.49 -0.99 -8.53
C1 NAG D . 41.41 -4.79 4.90
C2 NAG D . 41.91 -6.15 5.40
C3 NAG D . 41.69 -6.27 6.91
C4 NAG D . 42.21 -5.04 7.64
C5 NAG D . 41.62 -3.80 7.01
C6 NAG D . 42.05 -2.49 7.68
C7 NAG D . 41.73 -8.46 4.61
C8 NAG D . 40.91 -9.48 3.88
N2 NAG D . 41.22 -7.22 4.71
O3 NAG D . 42.32 -7.41 7.42
O4 NAG D . 41.83 -5.13 8.99
O5 NAG D . 42.04 -3.80 5.67
O6 NAG D . 43.45 -2.32 7.57
O7 NAG D . 42.80 -8.77 5.10
C1 NAG D . 42.97 -4.92 9.84
C2 NAG D . 42.49 -4.85 11.29
C3 NAG D . 43.67 -4.69 12.26
C4 NAG D . 44.82 -5.64 11.94
C5 NAG D . 45.10 -5.69 10.43
C6 NAG D . 46.14 -6.75 10.09
C7 NAG D . 41.47 -2.55 11.53
C8 NAG D . 42.74 -1.76 11.29
N2 NAG D . 41.41 -3.89 11.51
O3 NAG D . 43.16 -4.89 13.56
O4 NAG D . 46.03 -5.23 12.56
O5 NAG D . 43.91 -5.95 9.73
O6 NAG D . 46.31 -6.82 8.68
O7 NAG D . 40.46 -1.89 11.75
C1 BMA D . 46.10 -5.39 14.00
C2 BMA D . 47.09 -6.42 14.55
C3 BMA D . 46.76 -6.91 15.95
C4 BMA D . 46.16 -5.80 16.80
C5 BMA D . 44.91 -5.23 16.13
C6 BMA D . 44.23 -4.17 16.98
O2 BMA D . 48.40 -5.83 14.53
O3 BMA D . 47.99 -7.37 16.55
O4 BMA D . 45.83 -6.29 18.11
O5 BMA D . 45.25 -4.64 14.88
O6 BMA D . 44.03 -4.66 18.32
C1 BMA D . 47.82 -8.50 17.41
C2 BMA D . 47.89 -9.80 16.61
C3 BMA D . 47.81 -11.01 17.54
C4 BMA D . 48.79 -10.87 18.71
C5 BMA D . 48.66 -9.50 19.38
C6 BMA D . 49.70 -9.31 20.48
O2 BMA D . 49.09 -9.85 15.88
O3 BMA D . 48.08 -12.20 16.83
O4 BMA D . 48.59 -11.90 19.64
O5 BMA D . 48.82 -8.49 18.41
O6 BMA D . 49.93 -7.93 20.74
C1 MAN D . 43.22 -3.80 19.16
C2 MAN D . 41.75 -4.24 19.04
C3 MAN D . 40.94 -3.44 18.02
C4 MAN D . 41.16 -1.94 18.24
C5 MAN D . 42.65 -1.61 18.11
C6 MAN D . 42.90 -0.14 18.44
O2 MAN D . 41.14 -4.17 20.31
O3 MAN D . 39.58 -3.74 18.16
O4 MAN D . 40.43 -1.21 17.29
O5 MAN D . 43.45 -2.39 18.98
O6 MAN D . 43.09 0.61 17.25
C1 GAL E . 29.90 0.45 -36.17
C2 GAL E . 28.44 0.02 -36.37
C3 GAL E . 27.85 -0.90 -35.29
C4 GAL E . 28.88 -1.78 -34.56
C5 GAL E . 30.14 -1.00 -34.31
C6 GAL E . 31.19 -1.80 -33.56
O1 GAL E . 30.48 0.79 -37.44
O2 GAL E . 27.65 1.22 -36.42
O3 GAL E . 26.86 -1.76 -35.89
O4 GAL E . 29.16 -2.98 -35.30
O5 GAL E . 30.68 -0.60 -35.57
O6 GAL E . 32.24 -0.88 -33.25
C1 SIA E . 31.26 -0.02 -31.21
C2 SIA E . 32.49 -0.59 -31.88
C3 SIA E . 33.60 0.48 -31.85
C4 SIA E . 34.16 0.63 -30.45
C5 SIA E . 34.68 -0.72 -30.00
C6 SIA E . 33.54 -1.72 -29.99
C7 SIA E . 33.94 -3.15 -29.58
C8 SIA E . 32.84 -4.17 -29.85
C9 SIA E . 33.08 -5.45 -29.05
C10 SIA E . 36.18 -1.18 -28.12
C11 SIA E . 36.53 -0.83 -26.70
N5 SIA E . 35.15 -0.50 -28.63
O1A SIA E . 30.84 1.11 -31.56
O1B SIA E . 30.68 -0.68 -30.31
O4 SIA E . 35.20 1.61 -30.45
O6 SIA E . 32.95 -1.81 -31.29
O7 SIA E . 35.12 -3.53 -30.29
O8 SIA E . 31.55 -3.67 -29.50
O9 SIA E . 32.03 -6.39 -29.29
O10 SIA E . 36.78 -2.04 -28.74
C1 NAG F . -40.46 13.30 37.81
C2 NAG F . -39.75 13.56 39.14
C3 NAG F . -40.64 13.98 40.31
C4 NAG F . -41.81 14.84 39.83
C5 NAG F . -42.53 14.08 38.72
C6 NAG F . -43.84 14.73 38.28
C7 NAG F . -37.83 12.05 38.96
C8 NAG F . -37.15 10.81 39.47
N2 NAG F . -38.98 12.37 39.54
O3 NAG F . -39.88 14.72 41.24
O4 NAG F . -42.65 15.19 40.92
O5 NAG F . -41.65 14.05 37.62
O6 NAG F . -43.58 15.81 37.43
O7 NAG F . -37.33 12.71 38.05
C1 NAG F . -42.69 16.62 41.09
C2 NAG F . -43.69 16.97 42.19
C3 NAG F . -43.65 18.47 42.52
C4 NAG F . -42.22 18.99 42.65
C5 NAG F . -41.38 18.55 41.44
C6 NAG F . -39.92 19.02 41.52
C7 NAG F . -45.49 15.34 41.85
C8 NAG F . -46.92 15.12 41.42
N2 NAG F . -45.04 16.59 41.80
O3 NAG F . -44.36 18.70 43.71
O4 NAG F . -42.20 20.41 42.79
O5 NAG F . -41.42 17.14 41.38
O6 NAG F . -39.25 18.33 42.55
O7 NAG F . -44.81 14.39 42.23
C1 BMA F . -42.24 20.81 44.18
C2 BMA F . -41.25 21.95 44.43
C3 BMA F . -41.25 22.33 45.90
C4 BMA F . -42.67 22.51 46.45
C5 BMA F . -43.63 21.40 46.02
C6 BMA F . -45.06 21.71 46.44
O2 BMA F . -41.61 23.08 43.62
O3 BMA F . -40.49 23.53 46.09
O4 BMA F . -42.61 22.54 47.89
O5 BMA F . -43.54 21.22 44.60
O6 BMA F . -45.95 21.71 45.31
C1 NAG G . -32.61 17.26 5.73
C2 NAG G . -32.23 18.52 4.93
C3 NAG G . -31.06 19.25 5.56
C4 NAG G . -31.22 19.44 7.07
C5 NAG G . -31.69 18.15 7.74
C6 NAG G . -32.03 18.38 9.23
C7 NAG G . -32.88 17.94 2.64
C8 NAG G . -32.42 17.57 1.27
N2 NAG G . -31.94 18.15 3.56
O3 NAG G . -30.89 20.53 4.98
O4 NAG G . -30.00 19.89 7.62
O5 NAG G . -32.84 17.64 7.08
O6 NAG G . -31.26 17.54 10.05
O7 NAG G . -34.09 18.01 2.89
C1 NAG H . -6.84 15.60 3.84
C2 NAG H . -6.19 16.97 3.62
C3 NAG H . -7.00 18.15 4.19
C4 NAG H . -8.52 17.96 4.08
C5 NAG H . -8.92 16.54 4.46
C6 NAG H . -10.43 16.29 4.31
C7 NAG H . -3.73 16.92 3.48
C8 NAG H . -2.43 16.93 4.23
N2 NAG H . -4.85 16.98 4.20
O3 NAG H . -6.63 19.34 3.53
O4 NAG H . -9.16 18.89 4.92
O5 NAG H . -8.24 15.66 3.61
O6 NAG H . -10.90 15.60 5.45
O7 NAG H . -3.70 16.85 2.24
S1 MPO I . -48.00 10.59 16.70
O1 MPO I . -48.07 9.96 15.40
O2 MPO I . -48.94 11.67 16.73
O4 MPO I . -52.12 6.05 14.57
N1 MPO I . -49.65 7.23 15.40
C1 MPO I . -48.35 9.49 17.90
O3 MPO I . -46.50 11.20 16.92
C2 MPO I . -48.44 8.06 17.39
C3 MPO I . -49.81 7.77 16.78
C4 MPO I . -50.53 7.92 14.44
C5 MPO I . -51.98 7.47 14.59
C6 MPO I . -50.89 5.34 14.35
C7 MPO I . -49.83 5.76 15.36
#